data_8VI1
#
_entry.id   8VI1
#
_cell.length_a   73.660
_cell.length_b   69.820
_cell.length_c   78.060
_cell.angle_alpha   90.00
_cell.angle_beta   95.84
_cell.angle_gamma   90.00
#
_symmetry.space_group_name_H-M   'P 1 21 1'
#
loop_
_entity.id
_entity.type
_entity.pdbx_description
1 polymer 'Hepatocyte growth factor receptor'
2 non-polymer N-(3,5-difluoro-4-{[6-(2-hydroxyethoxy)-7-methoxyquinolin-4-yl]oxy}phenyl)-4-methoxypyridine-3-carboxamide
#
_entity_poly.entity_id   1
_entity_poly.type   'polypeptide(L)'
_entity_poly.pdbx_seq_one_letter_code
;GDSDISSPLLQNTVHIDLSALNPELVQAVQHVVIGPSSLIVHFNEVIGRGHFGCVYHGTLLDNDGKKIHCAVKSLNRITD
IGEVSQFLTEGIIMKDFSHPNVLSLLGICLRSEGSPLVVLPYMKHGDLRNFIRNETHNPTVKDLIGFGLQVAKGMKYLAS
KKFVHRDLAARNCMLDEKFTVKVADFGLARNMYDKEYYSVHNKTGAKLPVKWMALESLQTQKFTTKSDVWSFGVLLWELM
TRGAPPYPDVNTFDITVYLLQGRRLLQPEYCPDPLYEVMLKCWHPKAEMRPSFSELVSRISAIFSTFIG
;
_entity_poly.pdbx_strand_id   A,B
#
# COMPACT_ATOMS: atom_id res chain seq x y z
N ILE A 16 21.41 13.12 2.82
CA ILE A 16 20.36 13.46 1.82
C ILE A 16 20.37 14.98 1.59
N ASP A 17 20.21 15.39 0.33
CA ASP A 17 20.21 16.79 -0.04
C ASP A 17 18.85 17.40 0.32
N LEU A 18 18.87 18.46 1.14
CA LEU A 18 17.65 19.04 1.69
C LEU A 18 17.04 20.03 0.70
N SER A 19 17.76 20.39 -0.37
CA SER A 19 17.25 21.26 -1.42
C SER A 19 17.59 20.68 -2.79
N ALA A 20 17.06 19.47 -3.04
CA ALA A 20 17.33 18.75 -4.28
C ALA A 20 16.21 19.01 -5.29
N LEU A 21 14.97 18.73 -4.87
CA LEU A 21 13.82 18.76 -5.76
C LEU A 21 13.23 20.17 -5.82
N ASN A 22 12.03 20.27 -6.40
CA ASN A 22 11.33 21.53 -6.61
C ASN A 22 11.64 22.53 -5.50
N PRO A 23 12.27 23.68 -5.80
CA PRO A 23 12.68 24.66 -4.79
C PRO A 23 11.60 25.66 -4.37
N GLU A 24 10.35 25.42 -4.77
CA GLU A 24 9.23 26.23 -4.34
C GLU A 24 8.74 25.76 -2.97
N LEU A 25 8.95 24.47 -2.68
CA LEU A 25 8.56 23.89 -1.41
C LEU A 25 9.29 24.60 -0.27
N VAL A 26 10.62 24.60 -0.33
CA VAL A 26 11.46 25.17 0.73
C VAL A 26 11.01 26.59 1.06
N GLN A 27 10.60 27.35 0.03
CA GLN A 27 10.10 28.70 0.21
C GLN A 27 8.77 28.67 0.93
N ALA A 28 7.87 27.78 0.48
CA ALA A 28 6.52 27.67 1.01
C ALA A 28 6.53 27.01 2.39
N VAL A 29 7.51 26.14 2.65
CA VAL A 29 7.59 25.38 3.89
C VAL A 29 8.72 25.94 4.75
N GLN A 30 8.72 27.26 4.94
CA GLN A 30 9.71 27.94 5.76
C GLN A 30 9.34 27.76 7.23
N HIS A 31 8.06 27.99 7.55
CA HIS A 31 7.55 27.95 8.91
C HIS A 31 7.82 26.59 9.57
N VAL A 32 7.66 25.50 8.81
CA VAL A 32 7.77 24.16 9.36
C VAL A 32 9.23 23.79 9.58
N VAL A 33 10.11 24.20 8.65
CA VAL A 33 11.52 23.84 8.70
C VAL A 33 12.19 24.62 9.83
N ILE A 34 13.13 23.95 10.52
CA ILE A 34 13.87 24.53 11.62
C ILE A 34 15.36 24.31 11.38
N GLY A 35 16.17 25.30 11.79
CA GLY A 35 17.61 25.26 11.56
C GLY A 35 18.30 24.31 12.54
N PRO A 36 19.37 23.59 12.10
CA PRO A 36 20.15 22.73 13.01
C PRO A 36 20.79 23.47 14.18
N SER A 37 21.16 24.74 13.97
CA SER A 37 21.80 25.55 14.98
C SER A 37 20.87 25.79 16.16
N SER A 38 19.56 25.90 15.88
CA SER A 38 18.56 26.18 16.90
C SER A 38 17.84 24.89 17.30
N LEU A 39 18.62 23.85 17.62
CA LEU A 39 18.07 22.57 18.05
C LEU A 39 19.20 21.71 18.62
N ILE A 40 19.14 21.46 19.94
CA ILE A 40 20.08 20.56 20.60
C ILE A 40 19.34 19.25 20.89
N VAL A 41 19.94 18.13 20.45
CA VAL A 41 19.35 16.81 20.62
C VAL A 41 20.16 16.05 21.68
N HIS A 42 19.50 15.73 22.80
CA HIS A 42 20.12 14.96 23.87
C HIS A 42 20.07 13.48 23.52
N PHE A 43 21.10 13.01 22.79
CA PHE A 43 21.15 11.63 22.33
C PHE A 43 21.34 10.67 23.49
N ASN A 44 21.95 11.15 24.58
CA ASN A 44 22.18 10.35 25.77
C ASN A 44 20.85 10.02 26.44
N GLU A 45 19.95 11.01 26.52
CA GLU A 45 18.65 10.82 27.11
C GLU A 45 17.68 10.27 26.05
N VAL A 46 17.29 9.01 26.22
CA VAL A 46 16.47 8.30 25.24
C VAL A 46 15.13 7.96 25.87
N ILE A 47 14.05 8.15 25.09
CA ILE A 47 12.69 8.06 25.59
C ILE A 47 12.10 6.69 25.26
N GLY A 48 11.39 6.11 26.24
CA GLY A 48 10.69 4.86 26.06
C GLY A 48 11.64 3.66 26.00
N ARG A 49 12.90 3.87 26.40
CA ARG A 49 13.95 2.86 26.34
C ARG A 49 14.02 2.24 24.94
N GLY A 50 13.80 3.05 23.91
CA GLY A 50 13.93 2.63 22.53
C GLY A 50 12.87 1.63 22.09
N HIS A 51 11.72 1.62 22.77
CA HIS A 51 10.61 0.74 22.40
C HIS A 51 9.77 1.40 21.31
N PHE A 52 9.71 2.74 21.32
CA PHE A 52 8.96 3.50 20.33
C PHE A 52 9.93 4.11 19.31
N GLY A 53 10.90 3.30 18.85
CA GLY A 53 11.90 3.76 17.88
C GLY A 53 12.94 4.66 18.53
N CYS A 54 13.73 5.33 17.69
CA CYS A 54 14.80 6.20 18.14
C CYS A 54 14.24 7.58 18.52
N VAL A 55 13.69 7.67 19.73
CA VAL A 55 13.11 8.91 20.24
C VAL A 55 13.95 9.40 21.40
N TYR A 56 14.45 10.63 21.30
CA TYR A 56 15.31 11.23 22.32
C TYR A 56 14.70 12.53 22.82
N HIS A 57 15.26 13.05 23.92
CA HIS A 57 14.92 14.38 24.41
C HIS A 57 15.54 15.43 23.48
N GLY A 58 15.17 16.70 23.69
CA GLY A 58 15.70 17.79 22.88
C GLY A 58 15.47 19.16 23.52
N THR A 59 16.11 20.18 22.95
CA THR A 59 15.96 21.56 23.36
C THR A 59 15.84 22.44 22.13
N LEU A 60 14.67 23.03 21.92
CA LEU A 60 14.39 23.85 20.74
C LEU A 60 14.57 25.33 21.10
N LEU A 61 15.53 25.97 20.41
CA LEU A 61 15.79 27.39 20.60
C LEU A 61 14.74 28.20 19.83
N ASP A 62 13.83 28.84 20.58
CA ASP A 62 12.83 29.73 20.01
C ASP A 62 13.51 31.05 19.65
N ASN A 63 12.94 31.74 18.65
CA ASN A 63 13.51 33.00 18.17
C ASN A 63 13.27 34.12 19.18
N ASP A 64 12.35 33.90 20.13
CA ASP A 64 12.11 34.83 21.21
C ASP A 64 13.36 34.92 22.08
N GLY A 65 13.80 33.77 22.62
CA GLY A 65 14.99 33.72 23.44
C GLY A 65 15.05 32.45 24.30
N LYS A 66 13.99 32.24 25.09
CA LYS A 66 13.95 31.16 26.08
C LYS A 66 13.77 29.82 25.37
N LYS A 67 14.23 28.76 26.05
CA LYS A 67 14.31 27.42 25.48
C LYS A 67 13.03 26.64 25.80
N ILE A 68 12.78 25.60 25.00
CA ILE A 68 11.58 24.78 25.14
C ILE A 68 11.99 23.32 25.23
N HIS A 69 11.39 22.59 26.19
CA HIS A 69 11.60 21.16 26.34
C HIS A 69 10.76 20.43 25.30
N CYS A 70 11.42 19.60 24.47
CA CYS A 70 10.76 18.90 23.38
C CYS A 70 11.28 17.47 23.29
N ALA A 71 10.60 16.65 22.49
CA ALA A 71 11.00 15.28 22.21
C ALA A 71 11.26 15.11 20.72
N VAL A 72 12.44 14.57 20.38
CA VAL A 72 12.89 14.46 19.00
C VAL A 72 12.93 12.98 18.61
N LYS A 73 12.56 12.69 17.36
CA LYS A 73 12.60 11.34 16.82
C LYS A 73 13.28 11.35 15.46
N SER A 74 14.12 10.32 15.22
CA SER A 74 14.80 10.14 13.95
C SER A 74 14.00 9.18 13.07
N LEU A 75 13.61 9.65 11.88
CA LEU A 75 12.81 8.86 10.95
C LEU A 75 13.71 8.22 9.90
N ASN A 76 14.09 6.96 10.15
CA ASN A 76 14.99 6.23 9.27
C ASN A 76 14.19 5.31 8.36
N ARG A 77 13.27 5.90 7.59
CA ARG A 77 12.43 5.18 6.66
C ARG A 77 12.17 6.04 5.42
N ILE A 78 13.25 6.61 4.86
CA ILE A 78 13.12 7.57 3.77
C ILE A 78 14.39 7.52 2.90
N THR A 79 14.19 7.69 1.59
CA THR A 79 15.29 7.68 0.63
C THR A 79 15.93 9.08 0.60
N GLU A 83 9.04 10.66 -2.65
CA GLU A 83 9.24 10.01 -1.33
C GLU A 83 9.43 11.09 -0.27
N VAL A 84 10.46 11.93 -0.46
CA VAL A 84 10.74 13.04 0.44
C VAL A 84 9.67 14.12 0.27
N SER A 85 9.19 14.29 -0.98
CA SER A 85 8.19 15.29 -1.30
C SER A 85 6.91 15.05 -0.51
N GLN A 86 6.52 13.77 -0.38
CA GLN A 86 5.29 13.39 0.26
C GLN A 86 5.37 13.65 1.77
N PHE A 87 6.59 13.54 2.33
CA PHE A 87 6.80 13.73 3.76
C PHE A 87 6.61 15.20 4.13
N LEU A 88 7.25 16.10 3.37
CA LEU A 88 7.20 17.53 3.66
C LEU A 88 5.80 18.09 3.42
N THR A 89 5.05 17.48 2.49
CA THR A 89 3.69 17.89 2.20
C THR A 89 2.83 17.76 3.45
N GLU A 90 3.03 16.65 4.20
CA GLU A 90 2.30 16.39 5.42
C GLU A 90 2.75 17.34 6.53
N GLY A 91 4.02 17.77 6.47
CA GLY A 91 4.57 18.72 7.41
C GLY A 91 3.81 20.05 7.42
N ILE A 92 3.32 20.46 6.25
CA ILE A 92 2.56 21.69 6.11
C ILE A 92 1.23 21.53 6.84
N ILE A 93 0.61 20.35 6.69
CA ILE A 93 -0.69 20.07 7.28
C ILE A 93 -0.56 19.96 8.79
N MET A 94 0.49 19.27 9.24
CA MET A 94 0.71 18.99 10.66
C MET A 94 1.04 20.28 11.41
N LYS A 95 1.88 21.12 10.79
CA LYS A 95 2.35 22.35 11.42
C LYS A 95 1.18 23.30 11.66
N ASP A 96 0.22 23.32 10.73
CA ASP A 96 -0.91 24.25 10.79
C ASP A 96 -2.10 23.59 11.50
N PHE A 97 -1.80 22.72 12.48
CA PHE A 97 -2.80 22.19 13.40
C PHE A 97 -2.58 22.84 14.77
N SER A 98 -3.69 23.08 15.48
CA SER A 98 -3.64 23.67 16.81
C SER A 98 -4.95 23.38 17.54
N HIS A 99 -4.88 22.46 18.52
CA HIS A 99 -6.04 22.11 19.33
C HIS A 99 -5.55 21.60 20.68
N PRO A 100 -6.24 21.91 21.80
CA PRO A 100 -5.83 21.44 23.13
C PRO A 100 -5.63 19.92 23.24
N ASN A 101 -6.39 19.16 22.44
CA ASN A 101 -6.34 17.71 22.49
C ASN A 101 -5.76 17.16 21.18
N VAL A 102 -4.74 17.83 20.65
CA VAL A 102 -3.99 17.35 19.49
C VAL A 102 -2.53 17.76 19.67
N LEU A 103 -1.63 16.77 19.57
CA LEU A 103 -0.20 17.02 19.71
C LEU A 103 0.31 17.71 18.46
N SER A 104 0.69 18.99 18.60
CA SER A 104 1.10 19.81 17.47
C SER A 104 2.53 19.46 17.06
N LEU A 105 2.80 19.59 15.76
CA LEU A 105 4.13 19.39 15.20
C LEU A 105 4.86 20.72 15.23
N LEU A 106 5.99 20.77 15.97
CA LEU A 106 6.76 21.98 16.11
C LEU A 106 7.51 22.28 14.82
N GLY A 107 8.32 21.31 14.37
CA GLY A 107 9.05 21.47 13.12
C GLY A 107 9.87 20.22 12.77
N ILE A 108 10.36 20.19 11.52
CA ILE A 108 11.22 19.13 11.04
C ILE A 108 12.59 19.73 10.73
N CYS A 109 13.65 19.08 11.22
CA CYS A 109 15.01 19.57 11.04
C CYS A 109 15.72 18.74 9.98
N LEU A 110 15.94 19.34 8.81
CA LEU A 110 16.69 18.71 7.72
C LEU A 110 18.16 19.09 7.84
N ARG A 111 19.02 18.25 7.26
CA ARG A 111 20.46 18.45 7.28
C ARG A 111 21.06 17.97 5.96
N SER A 112 22.35 18.25 5.76
CA SER A 112 23.07 17.79 4.59
C SER A 112 23.30 16.27 4.66
N GLU A 113 23.48 15.76 5.89
CA GLU A 113 23.67 14.33 6.13
C GLU A 113 22.77 13.90 7.28
N GLY A 114 22.38 12.62 7.25
CA GLY A 114 21.52 12.05 8.28
C GLY A 114 20.05 12.10 7.88
N SER A 115 19.21 11.40 8.66
CA SER A 115 17.78 11.32 8.39
C SER A 115 17.08 12.56 8.91
N PRO A 116 15.80 12.81 8.54
CA PRO A 116 15.03 13.93 9.09
C PRO A 116 14.65 13.73 10.55
N LEU A 117 14.69 14.82 11.33
CA LEU A 117 14.34 14.81 12.74
C LEU A 117 13.03 15.54 12.96
N VAL A 118 12.01 14.82 13.45
CA VAL A 118 10.74 15.39 13.82
C VAL A 118 10.79 15.77 15.29
N VAL A 119 10.20 16.93 15.64
CA VAL A 119 10.26 17.47 16.99
C VAL A 119 8.85 17.78 17.46
N LEU A 120 8.52 17.36 18.68
CA LEU A 120 7.22 17.60 19.28
C LEU A 120 7.39 18.05 20.73
N PRO A 121 6.37 18.71 21.35
CA PRO A 121 6.45 19.12 22.74
C PRO A 121 6.49 17.92 23.69
N TYR A 122 7.34 18.01 24.72
CA TYR A 122 7.56 16.90 25.64
C TYR A 122 6.28 16.59 26.40
N MET A 123 5.74 15.38 26.18
CA MET A 123 4.55 14.92 26.87
C MET A 123 4.96 14.12 28.10
N LYS A 124 4.88 14.76 29.28
CA LYS A 124 5.48 14.26 30.50
C LYS A 124 5.11 12.80 30.74
N HIS A 125 3.80 12.53 30.87
CA HIS A 125 3.32 11.26 31.39
C HIS A 125 3.22 10.19 30.29
N GLY A 126 3.72 10.50 29.09
CA GLY A 126 3.85 9.50 28.04
C GLY A 126 2.51 9.12 27.43
N ASP A 127 2.43 7.90 26.89
CA ASP A 127 1.26 7.44 26.14
C ASP A 127 0.14 7.06 27.11
N LEU A 128 -1.09 7.06 26.58
CA LEU A 128 -2.29 6.86 27.38
C LEU A 128 -2.45 5.38 27.73
N ARG A 129 -2.00 4.49 26.84
CA ARG A 129 -2.20 3.07 26.99
C ARG A 129 -1.43 2.58 28.23
N ASN A 130 -0.15 2.93 28.30
CA ASN A 130 0.70 2.51 29.42
C ASN A 130 0.31 3.24 30.70
N PHE A 131 -0.26 4.46 30.56
CA PHE A 131 -0.63 5.28 31.69
C PHE A 131 -1.75 4.61 32.49
N ILE A 132 -2.80 4.16 31.79
CA ILE A 132 -3.95 3.54 32.43
C ILE A 132 -3.58 2.14 32.92
N ARG A 133 -2.67 1.47 32.20
CA ARG A 133 -2.20 0.15 32.59
C ARG A 133 -1.30 0.25 33.82
N ASN A 134 -0.55 1.35 33.93
CA ASN A 134 0.38 1.57 35.02
C ASN A 134 -0.37 1.37 36.34
N GLU A 135 0.07 0.37 37.12
CA GLU A 135 -0.63 -0.05 38.33
C GLU A 135 -0.46 0.97 39.45
N THR A 136 0.63 1.75 39.40
CA THR A 136 0.89 2.78 40.40
C THR A 136 -0.19 3.87 40.32
N HIS A 137 -0.45 4.34 39.09
CA HIS A 137 -1.52 5.29 38.83
C HIS A 137 -2.86 4.59 39.05
N ASN A 138 -3.84 5.33 39.60
CA ASN A 138 -5.16 4.79 39.86
C ASN A 138 -6.21 5.86 39.52
N PRO A 139 -6.45 6.13 38.20
CA PRO A 139 -7.48 7.08 37.80
C PRO A 139 -8.87 6.48 37.90
N THR A 140 -9.83 7.28 38.38
CA THR A 140 -11.21 6.84 38.54
C THR A 140 -11.84 6.65 37.16
N VAL A 141 -13.06 6.08 37.15
CA VAL A 141 -13.78 5.85 35.91
C VAL A 141 -14.11 7.19 35.26
N LYS A 142 -14.38 8.21 36.09
CA LYS A 142 -14.67 9.56 35.62
C LYS A 142 -13.45 10.13 34.89
N ASP A 143 -12.25 9.83 35.40
CA ASP A 143 -11.01 10.24 34.76
C ASP A 143 -10.87 9.55 33.41
N LEU A 144 -11.17 8.24 33.39
CA LEU A 144 -11.05 7.43 32.18
C LEU A 144 -12.02 7.91 31.11
N ILE A 145 -13.24 8.26 31.52
CA ILE A 145 -14.23 8.84 30.63
C ILE A 145 -13.78 10.24 30.23
N GLY A 146 -13.12 10.94 31.17
CA GLY A 146 -12.52 12.23 30.88
C GLY A 146 -11.46 12.15 29.79
N PHE A 147 -10.61 11.12 29.86
CA PHE A 147 -9.54 10.91 28.89
C PHE A 147 -10.14 10.53 27.53
N GLY A 148 -11.24 9.77 27.55
CA GLY A 148 -11.93 9.35 26.34
C GLY A 148 -12.60 10.53 25.61
N LEU A 149 -13.15 11.47 26.40
CA LEU A 149 -13.84 12.62 25.86
C LEU A 149 -12.85 13.53 25.14
N GLN A 150 -11.68 13.74 25.74
CA GLN A 150 -10.65 14.61 25.19
C GLN A 150 -10.26 14.14 23.79
N VAL A 151 -10.16 12.81 23.62
CA VAL A 151 -9.78 12.22 22.33
C VAL A 151 -10.86 12.54 21.30
N ALA A 152 -12.13 12.44 21.70
CA ALA A 152 -13.25 12.71 20.82
C ALA A 152 -13.20 14.17 20.33
N LYS A 153 -12.86 15.08 21.25
CA LYS A 153 -12.74 16.50 20.93
C LYS A 153 -11.54 16.73 20.00
N GLY A 154 -10.48 15.93 20.21
CA GLY A 154 -9.30 15.96 19.36
C GLY A 154 -9.59 15.46 17.95
N MET A 155 -10.37 14.38 17.85
CA MET A 155 -10.70 13.75 16.58
C MET A 155 -11.74 14.59 15.84
N LYS A 156 -12.56 15.34 16.60
CA LYS A 156 -13.53 16.24 16.02
C LYS A 156 -12.82 17.34 15.22
N TYR A 157 -11.72 17.84 15.78
CA TYR A 157 -10.92 18.88 15.13
C TYR A 157 -10.27 18.32 13.86
N LEU A 158 -9.61 17.16 14.00
CA LEU A 158 -8.90 16.54 12.88
C LEU A 158 -9.90 16.18 11.77
N ALA A 159 -11.04 15.61 12.16
CA ALA A 159 -12.07 15.21 11.22
C ALA A 159 -12.57 16.40 10.42
N SER A 160 -12.74 17.54 11.10
CA SER A 160 -13.25 18.75 10.48
C SER A 160 -12.29 19.28 9.41
N LYS A 161 -10.98 19.01 9.59
CA LYS A 161 -9.98 19.42 8.63
C LYS A 161 -9.63 18.26 7.68
N LYS A 162 -10.52 17.26 7.61
CA LYS A 162 -10.34 16.09 6.77
C LYS A 162 -8.96 15.48 6.98
N PHE A 163 -8.76 14.91 8.17
CA PHE A 163 -7.54 14.18 8.50
C PHE A 163 -7.91 12.81 9.02
N VAL A 164 -7.59 11.77 8.22
CA VAL A 164 -7.81 10.39 8.61
C VAL A 164 -6.57 9.90 9.34
N HIS A 165 -6.74 9.53 10.62
CA HIS A 165 -5.63 9.15 11.49
C HIS A 165 -5.11 7.76 11.10
N ARG A 166 -6.05 6.85 10.81
CA ARG A 166 -5.76 5.51 10.33
C ARG A 166 -5.38 4.58 11.48
N ASP A 167 -4.38 4.99 12.28
CA ASP A 167 -3.94 4.20 13.42
C ASP A 167 -4.30 4.91 14.72
N LEU A 168 -5.61 4.99 15.00
CA LEU A 168 -6.10 5.57 16.22
C LEU A 168 -6.15 4.50 17.31
N ALA A 169 -5.44 4.76 18.42
CA ALA A 169 -5.38 3.85 19.55
C ALA A 169 -4.87 4.59 20.77
N ALA A 170 -4.99 3.95 21.94
CA ALA A 170 -4.54 4.53 23.20
C ALA A 170 -3.02 4.76 23.16
N ARG A 171 -2.30 3.84 22.49
CA ARG A 171 -0.85 3.91 22.40
C ARG A 171 -0.41 5.16 21.64
N ASN A 172 -1.29 5.69 20.77
CA ASN A 172 -0.97 6.87 19.97
C ASN A 172 -1.63 8.12 20.56
N CYS A 173 -1.92 8.09 21.87
CA CYS A 173 -2.41 9.26 22.59
C CYS A 173 -1.47 9.55 23.76
N MET A 174 -1.21 10.83 24.02
CA MET A 174 -0.17 11.25 24.94
C MET A 174 -0.74 12.16 26.03
N LEU A 175 -0.04 12.22 27.16
CA LEU A 175 -0.45 13.02 28.32
C LEU A 175 0.65 14.02 28.67
N ASP A 176 0.25 15.27 28.90
CA ASP A 176 1.16 16.33 29.33
C ASP A 176 1.15 16.38 30.85
N GLU A 177 1.74 17.44 31.42
CA GLU A 177 1.87 17.58 32.86
C GLU A 177 0.53 17.97 33.49
N LYS A 178 -0.38 18.54 32.69
CA LYS A 178 -1.73 18.85 33.15
C LYS A 178 -2.67 17.66 32.96
N PHE A 179 -2.10 16.50 32.61
CA PHE A 179 -2.87 15.29 32.34
C PHE A 179 -3.90 15.56 31.24
N THR A 180 -3.44 16.18 30.14
CA THR A 180 -4.28 16.52 29.01
C THR A 180 -3.97 15.58 27.85
N VAL A 181 -4.99 14.82 27.43
CA VAL A 181 -4.84 13.83 26.37
C VAL A 181 -4.73 14.55 25.03
N LYS A 182 -3.67 14.23 24.27
CA LYS A 182 -3.45 14.80 22.95
C LYS A 182 -3.29 13.67 21.94
N VAL A 183 -4.03 13.77 20.83
CA VAL A 183 -3.99 12.78 19.76
C VAL A 183 -2.71 12.98 18.96
N ALA A 184 -1.80 12.01 19.04
CA ALA A 184 -0.51 12.08 18.39
C ALA A 184 -0.47 11.10 17.21
N ASP A 185 0.27 11.49 16.16
CA ASP A 185 0.45 10.65 14.99
C ASP A 185 1.94 10.31 14.85
N PHE A 186 2.23 9.02 14.63
CA PHE A 186 3.58 8.55 14.42
C PHE A 186 3.89 8.45 12.93
N GLY A 187 2.85 8.45 12.10
CA GLY A 187 3.01 8.50 10.65
C GLY A 187 3.50 7.18 10.06
N LEU A 188 3.10 6.06 10.69
CA LEU A 188 3.45 4.73 10.20
C LEU A 188 2.34 4.21 9.29
N ALA A 189 1.23 4.93 9.21
CA ALA A 189 0.06 4.50 8.45
C ALA A 189 0.26 4.72 6.95
N ARG A 190 1.36 5.40 6.57
CA ARG A 190 1.63 5.70 5.18
C ARG A 190 2.57 4.64 4.58
N ASN A 191 2.91 3.61 5.37
CA ASN A 191 3.79 2.54 4.93
C ASN A 191 3.01 1.53 4.08
N MET A 192 1.84 1.12 4.60
CA MET A 192 0.98 0.17 3.91
C MET A 192 0.48 0.78 2.59
N GLU A 196 2.66 -1.83 0.29
CA GLU A 196 3.82 -2.39 -0.47
C GLU A 196 3.33 -3.49 -1.40
N TYR A 197 3.90 -3.53 -2.61
CA TYR A 197 3.53 -4.51 -3.61
C TYR A 197 4.58 -5.62 -3.66
N TYR A 198 5.84 -5.21 -3.88
CA TYR A 198 6.96 -6.14 -3.97
C TYR A 198 7.77 -6.06 -2.68
N SER A 199 7.68 -7.11 -1.86
CA SER A 199 8.36 -7.16 -0.56
C SER A 199 9.55 -8.11 -0.63
N VAL A 200 10.51 -7.90 0.28
CA VAL A 200 11.73 -8.70 0.34
C VAL A 200 11.78 -9.39 1.71
N HIS A 201 11.25 -10.62 1.75
CA HIS A 201 11.21 -11.41 2.98
C HIS A 201 10.50 -10.64 4.09
N ALA A 206 5.35 -1.95 11.16
CA ALA A 206 5.32 -3.28 10.52
C ALA A 206 3.92 -3.88 10.62
N LYS A 207 3.41 -4.01 11.84
CA LYS A 207 2.13 -4.66 12.10
C LYS A 207 0.98 -3.75 11.65
N LEU A 208 -0.06 -4.38 11.10
CA LEU A 208 -1.33 -3.71 10.83
C LEU A 208 -2.17 -3.72 12.10
N PRO A 209 -2.83 -2.61 12.46
CA PRO A 209 -3.71 -2.58 13.65
C PRO A 209 -5.07 -3.20 13.33
N VAL A 210 -5.08 -4.52 13.15
CA VAL A 210 -6.24 -5.23 12.61
C VAL A 210 -7.37 -5.23 13.63
N LYS A 211 -7.03 -5.20 14.93
CA LYS A 211 -8.01 -5.28 15.99
C LYS A 211 -8.61 -3.89 16.27
N TRP A 212 -7.97 -2.84 15.75
CA TRP A 212 -8.48 -1.49 15.83
C TRP A 212 -9.13 -1.09 14.50
N MET A 213 -8.85 -1.84 13.43
CA MET A 213 -9.29 -1.49 12.09
C MET A 213 -10.78 -1.76 11.93
N ALA A 214 -11.42 -0.97 11.06
CA ALA A 214 -12.84 -1.11 10.78
C ALA A 214 -13.06 -2.30 9.84
N LEU A 215 -14.33 -2.70 9.71
CA LEU A 215 -14.69 -3.90 8.96
C LEU A 215 -14.31 -3.72 7.49
N GLU A 216 -14.65 -2.55 6.93
CA GLU A 216 -14.38 -2.27 5.53
C GLU A 216 -12.88 -2.03 5.31
N SER A 217 -12.19 -1.54 6.34
CA SER A 217 -10.76 -1.28 6.26
C SER A 217 -9.98 -2.61 6.22
N LEU A 218 -10.53 -3.65 6.85
CA LEU A 218 -9.91 -4.96 6.86
C LEU A 218 -10.06 -5.62 5.48
N GLN A 219 -11.03 -5.17 4.69
CA GLN A 219 -11.33 -5.78 3.40
C GLN A 219 -10.70 -4.98 2.25
N THR A 220 -10.61 -3.65 2.41
CA THR A 220 -10.23 -2.77 1.31
C THR A 220 -8.95 -2.00 1.59
N GLN A 221 -8.54 -1.92 2.87
CA GLN A 221 -7.47 -1.03 3.31
C GLN A 221 -7.79 0.41 2.88
N LYS A 222 -9.05 0.80 2.99
CA LYS A 222 -9.48 2.16 2.73
C LYS A 222 -9.94 2.79 4.04
N PHE A 223 -9.38 3.95 4.36
CA PHE A 223 -9.59 4.60 5.64
C PHE A 223 -10.31 5.93 5.43
N THR A 224 -11.27 6.22 6.32
CA THR A 224 -12.03 7.45 6.30
C THR A 224 -12.16 7.96 7.74
N THR A 225 -12.95 9.03 7.92
CA THR A 225 -13.29 9.51 9.25
C THR A 225 -14.16 8.49 9.96
N LYS A 226 -14.96 7.74 9.18
CA LYS A 226 -15.86 6.74 9.71
C LYS A 226 -15.08 5.50 10.17
N SER A 227 -13.91 5.26 9.57
CA SER A 227 -13.04 4.16 9.97
C SER A 227 -12.32 4.52 11.27
N ASP A 228 -12.08 5.82 11.49
CA ASP A 228 -11.48 6.30 12.72
C ASP A 228 -12.48 6.21 13.87
N VAL A 229 -13.77 6.31 13.54
CA VAL A 229 -14.83 6.19 14.53
C VAL A 229 -14.81 4.77 15.11
N TRP A 230 -14.68 3.77 14.23
CA TRP A 230 -14.58 2.38 14.65
C TRP A 230 -13.40 2.21 15.61
N SER A 231 -12.24 2.75 15.22
CA SER A 231 -11.03 2.66 16.03
C SER A 231 -11.22 3.37 17.37
N PHE A 232 -11.97 4.47 17.36
CA PHE A 232 -12.24 5.23 18.58
C PHE A 232 -13.08 4.38 19.54
N GLY A 233 -14.04 3.64 18.99
CA GLY A 233 -14.84 2.72 19.78
C GLY A 233 -13.98 1.75 20.59
N VAL A 234 -12.92 1.23 19.94
CA VAL A 234 -11.99 0.31 20.58
C VAL A 234 -11.17 1.07 21.61
N LEU A 235 -10.83 2.33 21.31
CA LEU A 235 -10.03 3.17 22.19
C LEU A 235 -10.77 3.37 23.51
N LEU A 236 -12.09 3.59 23.43
CA LEU A 236 -12.92 3.70 24.62
C LEU A 236 -12.88 2.39 25.40
N TRP A 237 -12.93 1.27 24.69
CA TRP A 237 -12.91 -0.05 25.29
C TRP A 237 -11.57 -0.31 26.00
N GLU A 238 -10.49 0.25 25.45
CA GLU A 238 -9.18 0.19 26.10
C GLU A 238 -9.23 0.93 27.43
N LEU A 239 -9.75 2.16 27.40
CA LEU A 239 -9.81 3.02 28.58
C LEU A 239 -10.61 2.33 29.69
N MET A 240 -11.75 1.73 29.33
CA MET A 240 -12.68 1.19 30.31
C MET A 240 -12.16 -0.14 30.87
N THR A 241 -11.16 -0.73 30.21
CA THR A 241 -10.55 -1.97 30.67
C THR A 241 -9.13 -1.72 31.16
N ARG A 242 -8.79 -0.44 31.43
CA ARG A 242 -7.45 -0.05 31.83
C ARG A 242 -6.42 -0.70 30.91
N GLY A 243 -6.62 -0.51 29.59
CA GLY A 243 -5.65 -0.93 28.59
C GLY A 243 -5.53 -2.44 28.46
N ALA A 244 -6.66 -3.11 28.24
CA ALA A 244 -6.68 -4.54 27.98
C ALA A 244 -6.41 -4.79 26.50
N PRO A 245 -5.89 -5.98 26.11
CA PRO A 245 -5.71 -6.32 24.70
C PRO A 245 -7.05 -6.68 24.05
N PRO A 246 -7.48 -5.96 22.99
CA PRO A 246 -8.74 -6.28 22.31
C PRO A 246 -8.76 -7.69 21.75
N TYR A 247 -9.94 -8.33 21.80
CA TYR A 247 -10.14 -9.64 21.22
C TYR A 247 -9.06 -10.59 21.72
N PRO A 248 -8.97 -10.85 23.05
CA PRO A 248 -7.85 -11.60 23.62
C PRO A 248 -7.90 -13.10 23.36
N ASP A 249 -9.07 -13.61 22.97
CA ASP A 249 -9.25 -15.03 22.69
C ASP A 249 -9.80 -15.18 21.26
N VAL A 250 -9.27 -14.36 20.34
CA VAL A 250 -9.63 -14.40 18.94
C VAL A 250 -8.36 -14.22 18.12
N ASN A 251 -8.24 -15.03 17.05
CA ASN A 251 -7.04 -15.04 16.23
C ASN A 251 -6.98 -13.77 15.37
N THR A 252 -5.76 -13.36 15.02
CA THR A 252 -5.52 -12.21 14.16
C THR A 252 -6.18 -12.43 12.80
N PHE A 253 -6.07 -13.66 12.28
CA PHE A 253 -6.52 -13.99 10.94
C PHE A 253 -8.04 -14.07 10.89
N ASP A 254 -8.65 -14.61 11.96
CA ASP A 254 -10.09 -14.84 12.00
C ASP A 254 -10.82 -13.65 12.60
N ILE A 255 -10.21 -12.44 12.50
CA ILE A 255 -10.77 -11.25 13.10
C ILE A 255 -11.82 -10.64 12.18
N THR A 256 -11.65 -10.82 10.86
CA THR A 256 -12.55 -10.24 9.87
C THR A 256 -13.87 -11.01 9.87
N VAL A 257 -13.79 -12.34 9.92
CA VAL A 257 -14.95 -13.21 9.93
C VAL A 257 -15.78 -12.93 11.18
N TYR A 258 -15.09 -12.76 12.31
CA TYR A 258 -15.70 -12.52 13.60
C TYR A 258 -16.63 -11.30 13.52
N LEU A 259 -16.16 -10.24 12.86
CA LEU A 259 -16.93 -9.01 12.72
C LEU A 259 -18.06 -9.20 11.70
N LEU A 260 -17.80 -9.98 10.64
CA LEU A 260 -18.79 -10.29 9.63
C LEU A 260 -19.92 -11.11 10.24
N GLN A 261 -19.60 -11.94 11.23
CA GLN A 261 -20.59 -12.75 11.93
C GLN A 261 -21.48 -11.86 12.81
N GLY A 262 -21.01 -10.64 13.10
CA GLY A 262 -21.78 -9.66 13.85
C GLY A 262 -21.29 -9.49 15.29
N ARG A 263 -20.26 -10.27 15.65
CA ARG A 263 -19.72 -10.26 17.00
C ARG A 263 -18.84 -9.02 17.19
N ARG A 264 -18.87 -8.47 18.41
CA ARG A 264 -18.12 -7.28 18.76
C ARG A 264 -17.49 -7.47 20.14
N LEU A 265 -16.76 -6.46 20.61
CA LEU A 265 -16.18 -6.48 21.95
C LEU A 265 -17.29 -6.49 22.99
N LEU A 266 -17.09 -7.28 24.06
CA LEU A 266 -18.07 -7.39 25.14
C LEU A 266 -17.94 -6.18 26.06
N GLN A 267 -18.98 -5.94 26.86
CA GLN A 267 -19.02 -4.79 27.76
C GLN A 267 -18.05 -5.01 28.91
N PRO A 268 -17.06 -4.09 29.13
CA PRO A 268 -16.18 -4.18 30.31
C PRO A 268 -16.92 -4.17 31.64
N GLU A 269 -16.18 -4.52 32.70
CA GLU A 269 -16.74 -4.65 34.04
C GLU A 269 -17.27 -3.29 34.51
N TYR A 270 -16.42 -2.26 34.39
CA TYR A 270 -16.73 -0.92 34.89
C TYR A 270 -17.10 0.02 33.74
N CYS A 271 -17.66 -0.53 32.66
CA CYS A 271 -18.14 0.28 31.55
C CYS A 271 -19.64 0.52 31.71
N PRO A 272 -20.11 1.79 31.80
CA PRO A 272 -21.54 2.09 31.83
C PRO A 272 -22.26 1.63 30.57
N ASP A 273 -23.56 1.33 30.70
CA ASP A 273 -24.37 0.85 29.60
C ASP A 273 -24.44 1.92 28.51
N PRO A 274 -24.66 3.22 28.85
CA PRO A 274 -24.69 4.28 27.85
C PRO A 274 -23.40 4.39 27.04
N LEU A 275 -22.25 4.22 27.70
CA LEU A 275 -20.95 4.33 27.06
C LEU A 275 -20.71 3.12 26.16
N TYR A 276 -21.24 1.95 26.57
CA TYR A 276 -21.10 0.73 25.78
C TYR A 276 -21.96 0.81 24.53
N GLU A 277 -23.11 1.49 24.62
CA GLU A 277 -23.97 1.71 23.47
C GLU A 277 -23.22 2.56 22.44
N VAL A 278 -22.48 3.56 22.92
CA VAL A 278 -21.68 4.42 22.06
C VAL A 278 -20.59 3.60 21.36
N MET A 279 -20.02 2.63 22.10
CA MET A 279 -19.02 1.74 21.54
C MET A 279 -19.63 0.92 20.41
N LEU A 280 -20.78 0.30 20.67
CA LEU A 280 -21.50 -0.49 19.68
C LEU A 280 -21.91 0.39 18.51
N LYS A 281 -22.29 1.64 18.82
CA LYS A 281 -22.69 2.61 17.80
C LYS A 281 -21.53 2.86 16.84
N CYS A 282 -20.30 2.88 17.38
CA CYS A 282 -19.10 3.09 16.58
C CYS A 282 -18.83 1.89 15.67
N TRP A 283 -19.14 0.68 16.16
CA TRP A 283 -18.86 -0.54 15.42
C TRP A 283 -20.08 -0.98 14.61
N HIS A 284 -20.72 -0.03 13.92
CA HIS A 284 -21.81 -0.34 13.01
C HIS A 284 -21.21 -0.87 11.71
N PRO A 285 -21.70 -1.99 11.15
CA PRO A 285 -21.14 -2.56 9.92
C PRO A 285 -21.19 -1.56 8.75
N LYS A 286 -22.34 -0.89 8.61
CA LYS A 286 -22.50 0.20 7.66
C LYS A 286 -21.74 1.42 8.21
N ALA A 287 -20.80 1.94 7.41
CA ALA A 287 -19.90 2.99 7.84
C ALA A 287 -20.63 4.31 7.99
N GLU A 288 -21.54 4.60 7.04
CA GLU A 288 -22.29 5.85 7.01
C GLU A 288 -23.18 5.96 8.24
N MET A 289 -23.60 4.81 8.80
CA MET A 289 -24.53 4.77 9.92
C MET A 289 -23.83 5.11 11.22
N ARG A 290 -22.49 5.07 11.23
CA ARG A 290 -21.71 5.37 12.42
C ARG A 290 -21.79 6.86 12.74
N PRO A 291 -21.70 7.26 14.03
CA PRO A 291 -21.79 8.67 14.42
C PRO A 291 -20.49 9.43 14.17
N SER A 292 -20.62 10.75 13.92
CA SER A 292 -19.47 11.62 13.75
C SER A 292 -18.85 11.93 15.11
N PHE A 293 -17.62 12.45 15.09
CA PHE A 293 -16.90 12.80 16.31
C PHE A 293 -17.60 13.96 17.02
N SER A 294 -18.21 14.86 16.25
CA SER A 294 -19.04 15.93 16.79
C SER A 294 -20.23 15.33 17.55
N GLU A 295 -20.83 14.28 16.98
CA GLU A 295 -21.97 13.62 17.57
C GLU A 295 -21.55 12.86 18.83
N LEU A 296 -20.36 12.25 18.79
CA LEU A 296 -19.85 11.47 19.92
C LEU A 296 -19.56 12.39 21.10
N VAL A 297 -18.91 13.53 20.83
CA VAL A 297 -18.57 14.49 21.88
C VAL A 297 -19.83 14.84 22.66
N SER A 298 -20.94 15.08 21.95
CA SER A 298 -22.21 15.46 22.55
C SER A 298 -22.71 14.37 23.50
N ARG A 299 -22.59 13.10 23.09
CA ARG A 299 -23.07 11.97 23.87
C ARG A 299 -22.24 11.81 25.14
N ILE A 300 -20.91 11.81 24.99
CA ILE A 300 -20.01 11.49 26.08
C ILE A 300 -19.96 12.64 27.07
N SER A 301 -20.25 13.86 26.60
CA SER A 301 -20.33 15.04 27.46
C SER A 301 -21.44 14.84 28.50
N ALA A 302 -22.58 14.28 28.06
CA ALA A 302 -23.71 14.03 28.93
C ALA A 302 -23.39 12.90 29.92
N ILE A 303 -22.65 11.89 29.44
CA ILE A 303 -22.27 10.75 30.25
C ILE A 303 -21.24 11.18 31.30
N PHE A 304 -20.27 12.00 30.86
CA PHE A 304 -19.19 12.48 31.73
C PHE A 304 -19.77 13.32 32.87
N SER A 305 -20.79 14.13 32.57
CA SER A 305 -21.36 15.07 33.53
C SER A 305 -22.28 14.38 34.52
N THR A 306 -22.59 13.09 34.28
CA THR A 306 -23.43 12.30 35.19
C THR A 306 -22.55 11.38 36.03
N PHE A 307 -21.36 11.86 36.41
CA PHE A 307 -20.46 11.14 37.30
C PHE A 307 -19.96 12.09 38.39
N ILE A 308 -19.79 11.55 39.60
CA ILE A 308 -19.40 12.34 40.75
C ILE A 308 -17.88 12.41 40.80
N GLY A 309 -17.34 13.63 41.01
CA GLY A 309 -15.91 13.84 41.08
C GLY A 309 -15.54 15.25 40.65
N THR B 13 25.35 8.24 -17.50
CA THR B 13 24.58 7.20 -18.25
C THR B 13 25.53 6.05 -18.62
N VAL B 14 24.94 4.95 -19.09
CA VAL B 14 25.68 3.73 -19.40
C VAL B 14 26.04 3.73 -20.89
N HIS B 15 27.34 3.91 -21.18
CA HIS B 15 27.85 3.87 -22.54
C HIS B 15 28.16 2.42 -22.93
N ILE B 16 27.30 1.83 -23.76
CA ILE B 16 27.45 0.45 -24.21
C ILE B 16 28.11 0.46 -25.58
N ASP B 17 29.17 -0.35 -25.73
CA ASP B 17 29.84 -0.54 -27.01
C ASP B 17 28.99 -1.50 -27.85
N LEU B 18 28.04 -0.94 -28.61
CA LEU B 18 27.06 -1.73 -29.34
C LEU B 18 27.67 -2.44 -30.55
N SER B 19 28.93 -2.13 -30.87
CA SER B 19 29.62 -2.74 -32.00
C SER B 19 30.32 -4.03 -31.59
N ALA B 20 30.11 -4.48 -30.35
CA ALA B 20 30.80 -5.63 -29.80
C ALA B 20 29.99 -6.92 -30.03
N LEU B 21 28.74 -6.77 -30.49
CA LEU B 21 27.85 -7.91 -30.65
C LEU B 21 28.29 -8.77 -31.84
N ASN B 22 27.89 -10.05 -31.80
CA ASN B 22 28.24 -11.02 -32.82
C ASN B 22 27.47 -10.69 -34.11
N PRO B 23 28.15 -10.51 -35.26
CA PRO B 23 27.47 -10.26 -36.54
C PRO B 23 26.33 -11.22 -36.86
N GLU B 24 26.53 -12.52 -36.54
CA GLU B 24 25.51 -13.53 -36.76
C GLU B 24 24.30 -13.25 -35.88
N LEU B 25 24.55 -12.88 -34.62
CA LEU B 25 23.49 -12.51 -33.69
C LEU B 25 22.82 -11.23 -34.18
N VAL B 26 23.63 -10.27 -34.65
CA VAL B 26 23.13 -8.98 -35.10
C VAL B 26 22.19 -9.17 -36.29
N GLN B 27 22.58 -10.05 -37.22
CA GLN B 27 21.81 -10.29 -38.44
C GLN B 27 20.54 -11.08 -38.12
N ALA B 28 20.57 -11.83 -37.01
CA ALA B 28 19.43 -12.62 -36.57
C ALA B 28 18.52 -11.81 -35.66
N VAL B 29 18.84 -10.52 -35.49
CA VAL B 29 18.16 -9.65 -34.54
C VAL B 29 17.72 -8.37 -35.26
N GLN B 30 17.71 -8.41 -36.60
CA GLN B 30 17.43 -7.23 -37.41
C GLN B 30 15.95 -6.87 -37.34
N HIS B 31 15.09 -7.89 -37.23
CA HIS B 31 13.66 -7.69 -37.25
C HIS B 31 13.15 -7.14 -35.91
N VAL B 32 13.91 -7.39 -34.83
CA VAL B 32 13.48 -7.01 -33.49
C VAL B 32 14.08 -5.65 -33.10
N VAL B 33 15.19 -5.25 -33.74
CA VAL B 33 15.81 -3.97 -33.42
C VAL B 33 14.98 -2.85 -34.04
N ILE B 34 15.21 -1.63 -33.55
CA ILE B 34 14.48 -0.44 -33.97
C ILE B 34 15.43 0.48 -34.73
N GLY B 35 16.51 0.91 -34.06
CA GLY B 35 17.36 1.97 -34.57
C GLY B 35 16.83 3.35 -34.12
N PRO B 36 17.58 4.08 -33.25
CA PRO B 36 17.09 5.32 -32.66
C PRO B 36 16.46 6.36 -33.60
N SER B 37 16.84 6.32 -34.89
CA SER B 37 16.33 7.28 -35.87
C SER B 37 14.85 7.05 -36.15
N SER B 38 14.41 5.79 -36.06
CA SER B 38 13.05 5.42 -36.42
C SER B 38 12.07 5.66 -35.26
N LEU B 39 12.60 5.82 -34.04
CA LEU B 39 11.77 5.86 -32.84
C LEU B 39 11.98 7.19 -32.12
N ILE B 40 10.86 7.86 -31.81
CA ILE B 40 10.86 9.14 -31.12
C ILE B 40 10.24 8.95 -29.74
N VAL B 41 10.99 9.29 -28.68
CA VAL B 41 10.52 9.20 -27.32
C VAL B 41 10.09 10.59 -26.85
N HIS B 42 9.12 10.62 -25.93
CA HIS B 42 8.68 11.86 -25.30
C HIS B 42 9.00 11.81 -23.80
N PHE B 43 10.18 12.33 -23.44
CA PHE B 43 10.66 12.29 -22.07
C PHE B 43 9.87 13.25 -21.20
N ASN B 44 9.30 14.30 -21.81
CA ASN B 44 8.43 15.23 -21.12
C ASN B 44 7.12 14.53 -20.73
N GLU B 45 6.59 13.73 -21.66
CA GLU B 45 5.30 13.08 -21.49
C GLU B 45 5.49 11.72 -20.81
N VAL B 46 5.40 11.72 -19.47
CA VAL B 46 5.48 10.51 -18.68
C VAL B 46 4.07 9.96 -18.48
N ILE B 47 3.86 8.69 -18.85
CA ILE B 47 2.54 8.08 -18.81
C ILE B 47 2.34 7.37 -17.47
N GLY B 48 3.44 6.95 -16.83
CA GLY B 48 3.36 6.28 -15.54
C GLY B 48 4.73 6.02 -14.93
N ARG B 49 4.73 5.68 -13.64
CA ARG B 49 5.93 5.34 -12.89
C ARG B 49 5.56 4.30 -11.84
N GLY B 50 6.49 3.38 -11.56
CA GLY B 50 6.22 2.29 -10.62
C GLY B 50 7.50 1.63 -10.12
N HIS B 51 7.39 0.35 -9.77
CA HIS B 51 8.48 -0.41 -9.18
C HIS B 51 9.59 -0.64 -10.21
N PHE B 52 9.20 -0.89 -11.47
CA PHE B 52 10.14 -1.25 -12.51
C PHE B 52 10.86 -0.01 -13.03
N GLY B 53 10.10 1.06 -13.31
CA GLY B 53 10.68 2.32 -13.76
C GLY B 53 9.63 3.26 -14.34
N CYS B 54 10.10 4.28 -15.07
CA CYS B 54 9.22 5.23 -15.73
C CYS B 54 8.90 4.74 -17.14
N VAL B 55 7.66 4.98 -17.57
CA VAL B 55 7.22 4.68 -18.92
C VAL B 55 6.90 6.00 -19.61
N TYR B 56 7.25 6.09 -20.90
CA TYR B 56 7.12 7.33 -21.67
C TYR B 56 6.23 7.09 -22.88
N HIS B 57 5.64 8.18 -23.40
CA HIS B 57 5.00 8.16 -24.71
C HIS B 57 6.07 8.05 -25.79
N GLY B 58 5.70 7.45 -26.92
CA GLY B 58 6.62 7.22 -28.02
C GLY B 58 5.94 7.38 -29.38
N THR B 59 6.76 7.44 -30.44
CA THR B 59 6.28 7.55 -31.81
C THR B 59 7.20 6.78 -32.73
N LEU B 60 6.78 5.56 -33.09
CA LEU B 60 7.48 4.73 -34.06
C LEU B 60 6.80 4.88 -35.42
N LEU B 61 7.58 4.69 -36.49
CA LEU B 61 7.05 4.69 -37.85
C LEU B 61 7.63 3.50 -38.62
N ASP B 62 6.76 2.54 -38.93
CA ASP B 62 7.17 1.26 -39.49
C ASP B 62 7.09 1.32 -41.01
N ASN B 63 8.15 0.85 -41.68
CA ASN B 63 8.23 0.81 -43.13
C ASN B 63 7.99 2.20 -43.71
N ASP B 64 8.57 3.22 -43.05
CA ASP B 64 8.37 4.61 -43.41
C ASP B 64 6.88 4.89 -43.52
N GLY B 65 6.12 4.42 -42.51
CA GLY B 65 4.66 4.50 -42.53
C GLY B 65 4.15 5.57 -41.57
N LYS B 66 2.89 5.40 -41.14
CA LYS B 66 2.23 6.35 -40.26
C LYS B 66 2.80 6.22 -38.85
N LYS B 67 2.65 7.27 -38.05
CA LYS B 67 3.12 7.26 -36.67
C LYS B 67 2.33 6.22 -35.88
N ILE B 68 3.07 5.36 -35.16
CA ILE B 68 2.48 4.34 -34.31
C ILE B 68 2.65 4.77 -32.86
N HIS B 69 1.52 5.07 -32.19
CA HIS B 69 1.54 5.47 -30.80
C HIS B 69 1.92 4.27 -29.94
N CYS B 70 3.04 4.40 -29.20
CA CYS B 70 3.60 3.30 -28.43
C CYS B 70 4.07 3.79 -27.07
N ALA B 71 4.42 2.84 -26.20
CA ALA B 71 4.96 3.13 -24.89
C ALA B 71 6.40 2.60 -24.81
N VAL B 72 7.30 3.44 -24.27
CA VAL B 72 8.72 3.13 -24.24
C VAL B 72 9.19 3.10 -22.79
N LYS B 73 10.14 2.20 -22.49
CA LYS B 73 10.67 2.02 -21.15
C LYS B 73 12.11 1.53 -21.24
N SER B 74 12.94 1.94 -20.27
CA SER B 74 14.35 1.58 -20.25
C SER B 74 14.59 0.46 -19.23
N LEU B 75 15.66 -0.32 -19.47
CA LEU B 75 16.06 -1.41 -18.59
C LEU B 75 17.45 -1.11 -18.01
N ASN B 76 17.47 -0.45 -16.85
CA ASN B 76 18.70 0.07 -16.26
C ASN B 76 19.55 -1.06 -15.70
N ARG B 77 18.95 -2.22 -15.42
CA ARG B 77 19.67 -3.38 -14.93
C ARG B 77 20.72 -3.82 -15.95
N ILE B 78 20.41 -3.68 -17.24
CA ILE B 78 21.32 -4.06 -18.31
C ILE B 78 22.46 -3.05 -18.36
N THR B 79 23.66 -3.50 -17.97
CA THR B 79 24.83 -2.64 -17.89
C THR B 79 25.87 -3.09 -18.92
N ASP B 80 26.39 -4.31 -18.74
CA ASP B 80 27.49 -4.81 -19.55
C ASP B 80 26.95 -5.33 -20.88
N ILE B 81 27.89 -5.68 -21.78
CA ILE B 81 27.56 -6.07 -23.14
C ILE B 81 26.87 -7.43 -23.16
N GLY B 82 27.22 -8.30 -22.19
CA GLY B 82 26.66 -9.64 -22.12
C GLY B 82 25.16 -9.63 -21.83
N GLU B 83 24.74 -8.72 -20.94
CA GLU B 83 23.35 -8.63 -20.49
C GLU B 83 22.47 -8.12 -21.62
N VAL B 84 23.06 -7.42 -22.60
CA VAL B 84 22.35 -6.97 -23.78
C VAL B 84 22.04 -8.16 -24.67
N SER B 85 23.06 -8.99 -24.93
CA SER B 85 22.93 -10.15 -25.79
C SER B 85 21.91 -11.14 -25.23
N GLN B 86 21.85 -11.23 -23.90
CA GLN B 86 20.87 -12.07 -23.20
C GLN B 86 19.46 -11.66 -23.62
N PHE B 87 19.18 -10.35 -23.57
CA PHE B 87 17.83 -9.84 -23.74
C PHE B 87 17.42 -9.89 -25.22
N LEU B 88 18.39 -9.74 -26.12
CA LEU B 88 18.12 -9.76 -27.55
C LEU B 88 17.60 -11.12 -27.98
N THR B 89 18.19 -12.19 -27.44
CA THR B 89 17.77 -13.55 -27.76
C THR B 89 16.38 -13.83 -27.21
N GLU B 90 16.07 -13.26 -26.04
CA GLU B 90 14.75 -13.37 -25.44
C GLU B 90 13.72 -12.63 -26.29
N GLY B 91 14.13 -11.48 -26.85
CA GLY B 91 13.25 -10.62 -27.62
C GLY B 91 12.74 -11.27 -28.90
N ILE B 92 13.50 -12.26 -29.42
CA ILE B 92 13.11 -12.98 -30.62
C ILE B 92 11.82 -13.75 -30.36
N ILE B 93 11.74 -14.39 -29.19
CA ILE B 93 10.60 -15.20 -28.82
C ILE B 93 9.41 -14.29 -28.49
N MET B 94 9.70 -13.14 -27.88
CA MET B 94 8.68 -12.20 -27.46
C MET B 94 7.99 -11.56 -28.67
N LYS B 95 8.76 -11.36 -29.74
CA LYS B 95 8.24 -10.74 -30.96
C LYS B 95 7.28 -11.72 -31.64
N ASP B 96 7.62 -13.02 -31.57
CA ASP B 96 6.84 -14.07 -32.23
C ASP B 96 5.47 -14.22 -31.58
N PHE B 97 5.37 -13.88 -30.28
CA PHE B 97 4.10 -13.91 -29.57
C PHE B 97 3.08 -13.05 -30.30
N SER B 98 2.00 -13.69 -30.78
CA SER B 98 0.94 -13.01 -31.49
C SER B 98 -0.41 -13.53 -30.99
N HIS B 99 -1.05 -12.75 -30.12
CA HIS B 99 -2.33 -13.11 -29.54
C HIS B 99 -3.11 -11.84 -29.17
N PRO B 100 -4.46 -11.82 -29.29
CA PRO B 100 -5.24 -10.62 -28.99
C PRO B 100 -5.34 -10.29 -27.50
N ASN B 101 -4.91 -11.21 -26.63
CA ASN B 101 -4.88 -10.98 -25.20
C ASN B 101 -3.45 -11.15 -24.68
N VAL B 102 -2.46 -10.75 -25.50
CA VAL B 102 -1.07 -10.70 -25.08
C VAL B 102 -0.45 -9.45 -25.70
N LEU B 103 0.16 -8.61 -24.86
CA LEU B 103 0.83 -7.39 -25.30
C LEU B 103 2.28 -7.72 -25.65
N SER B 104 2.50 -8.11 -26.91
CA SER B 104 3.84 -8.42 -27.40
C SER B 104 4.55 -7.12 -27.78
N LEU B 105 5.88 -7.12 -27.63
CA LEU B 105 6.70 -5.96 -27.91
C LEU B 105 6.81 -5.75 -29.41
N LEU B 106 6.93 -4.48 -29.82
CA LEU B 106 7.20 -4.12 -31.20
C LEU B 106 8.66 -4.45 -31.51
N GLY B 107 9.56 -4.00 -30.62
CA GLY B 107 10.97 -4.34 -30.72
C GLY B 107 11.82 -3.61 -29.69
N ILE B 108 13.12 -3.93 -29.68
CA ILE B 108 14.08 -3.37 -28.74
C ILE B 108 14.89 -2.29 -29.47
N CYS B 109 15.15 -1.17 -28.80
CA CYS B 109 15.93 -0.08 -29.37
C CYS B 109 17.21 0.10 -28.56
N LEU B 110 18.33 -0.38 -29.12
CA LEU B 110 19.64 -0.17 -28.51
C LEU B 110 20.12 1.24 -28.81
N ARG B 111 20.92 1.81 -27.90
CA ARG B 111 21.53 3.10 -28.11
C ARG B 111 22.79 3.21 -27.25
N SER B 112 23.67 4.14 -27.61
CA SER B 112 24.95 4.34 -26.93
C SER B 112 24.82 5.36 -25.81
N GLU B 113 23.66 6.03 -25.72
CA GLU B 113 23.43 7.05 -24.71
C GLU B 113 23.34 6.39 -23.33
N GLY B 114 22.36 5.49 -23.16
CA GLY B 114 22.13 4.82 -21.90
C GLY B 114 21.82 3.33 -22.10
N SER B 115 20.97 2.79 -21.23
CA SER B 115 20.58 1.39 -21.29
C SER B 115 19.56 1.18 -22.39
N PRO B 116 19.35 -0.07 -22.89
CA PRO B 116 18.42 -0.33 -23.98
C PRO B 116 16.96 0.04 -23.66
N LEU B 117 16.18 0.28 -24.72
CA LEU B 117 14.76 0.59 -24.60
C LEU B 117 13.94 -0.57 -25.16
N VAL B 118 12.71 -0.71 -24.65
CA VAL B 118 11.76 -1.69 -25.15
C VAL B 118 10.46 -0.96 -25.50
N VAL B 119 9.97 -1.20 -26.73
CA VAL B 119 8.80 -0.50 -27.25
C VAL B 119 7.64 -1.48 -27.34
N LEU B 120 6.50 -1.10 -26.77
CA LEU B 120 5.28 -1.90 -26.83
C LEU B 120 4.13 -1.05 -27.36
N PRO B 121 3.07 -1.67 -27.93
CA PRO B 121 1.91 -0.92 -28.40
C PRO B 121 1.24 -0.16 -27.26
N TYR B 122 0.88 1.11 -27.50
CA TYR B 122 0.31 1.95 -26.47
C TYR B 122 -1.08 1.42 -26.09
N MET B 123 -1.39 1.47 -24.79
CA MET B 123 -2.63 0.96 -24.25
C MET B 123 -3.45 2.14 -23.72
N LYS B 124 -4.59 2.40 -24.37
CA LYS B 124 -5.33 3.64 -24.20
C LYS B 124 -5.78 3.81 -22.75
N HIS B 125 -6.52 2.80 -22.24
CA HIS B 125 -7.17 2.90 -20.94
C HIS B 125 -6.28 2.37 -19.82
N GLY B 126 -5.04 1.99 -20.16
CA GLY B 126 -4.02 1.73 -19.15
C GLY B 126 -4.20 0.38 -18.48
N ASP B 127 -3.69 0.26 -17.24
CA ASP B 127 -3.64 -1.00 -16.52
C ASP B 127 -5.03 -1.35 -15.99
N LEU B 128 -5.19 -2.63 -15.64
CA LEU B 128 -6.50 -3.19 -15.31
C LEU B 128 -6.90 -2.82 -13.89
N ARG B 129 -5.91 -2.71 -12.99
CA ARG B 129 -6.21 -2.49 -11.57
C ARG B 129 -6.76 -1.08 -11.37
N ASN B 130 -6.06 -0.07 -11.91
CA ASN B 130 -6.45 1.32 -11.74
C ASN B 130 -7.77 1.59 -12.47
N PHE B 131 -8.05 0.82 -13.53
CA PHE B 131 -9.27 0.96 -14.30
C PHE B 131 -10.48 0.66 -13.42
N ILE B 132 -10.48 -0.52 -12.78
CA ILE B 132 -11.59 -0.97 -11.97
C ILE B 132 -11.67 -0.19 -10.67
N ARG B 133 -10.50 0.27 -10.18
CA ARG B 133 -10.43 1.06 -8.95
C ARG B 133 -10.98 2.46 -9.18
N ASN B 134 -10.85 2.97 -10.42
CA ASN B 134 -11.24 4.33 -10.76
C ASN B 134 -12.73 4.51 -10.46
N GLU B 135 -13.07 5.70 -9.94
CA GLU B 135 -14.44 6.02 -9.55
C GLU B 135 -15.26 6.41 -10.77
N THR B 136 -14.64 7.15 -11.70
CA THR B 136 -15.30 7.63 -12.90
C THR B 136 -15.74 6.43 -13.75
N HIS B 137 -14.82 5.48 -13.94
CA HIS B 137 -15.16 4.19 -14.53
C HIS B 137 -16.01 3.40 -13.56
N ASN B 138 -17.08 2.78 -14.07
CA ASN B 138 -17.99 1.99 -13.25
C ASN B 138 -18.50 0.82 -14.07
N PRO B 139 -17.65 -0.19 -14.38
CA PRO B 139 -18.08 -1.37 -15.13
C PRO B 139 -18.87 -2.34 -14.26
N THR B 140 -19.88 -2.98 -14.85
CA THR B 140 -20.72 -3.94 -14.16
C THR B 140 -19.93 -5.23 -13.94
N VAL B 141 -20.51 -6.13 -13.12
CA VAL B 141 -19.87 -7.39 -12.76
C VAL B 141 -19.73 -8.25 -14.02
N LYS B 142 -20.65 -8.07 -14.97
CA LYS B 142 -20.60 -8.77 -16.26
C LYS B 142 -19.25 -8.51 -16.92
N ASP B 143 -18.79 -7.26 -16.90
CA ASP B 143 -17.54 -6.87 -17.52
C ASP B 143 -16.36 -7.44 -16.74
N LEU B 144 -16.45 -7.41 -15.41
CA LEU B 144 -15.36 -7.82 -14.52
C LEU B 144 -15.04 -9.31 -14.74
N ILE B 145 -16.08 -10.11 -15.00
CA ILE B 145 -15.90 -11.53 -15.29
C ILE B 145 -15.29 -11.68 -16.68
N GLY B 146 -15.72 -10.82 -17.61
CA GLY B 146 -15.21 -10.81 -18.97
C GLY B 146 -13.71 -10.53 -19.04
N PHE B 147 -13.24 -9.63 -18.17
CA PHE B 147 -11.83 -9.28 -18.10
C PHE B 147 -11.00 -10.51 -17.69
N GLY B 148 -11.54 -11.29 -16.75
CA GLY B 148 -10.88 -12.49 -16.26
C GLY B 148 -10.69 -13.54 -17.36
N LEU B 149 -11.69 -13.66 -18.26
CA LEU B 149 -11.66 -14.62 -19.35
C LEU B 149 -10.51 -14.30 -20.30
N GLN B 150 -10.37 -13.00 -20.64
CA GLN B 150 -9.37 -12.55 -21.59
C GLN B 150 -7.96 -12.84 -21.08
N VAL B 151 -7.77 -12.71 -19.76
CA VAL B 151 -6.49 -13.00 -19.12
C VAL B 151 -6.19 -14.50 -19.26
N ALA B 152 -7.22 -15.33 -19.05
CA ALA B 152 -7.08 -16.78 -19.10
C ALA B 152 -6.73 -17.22 -20.52
N LYS B 153 -7.45 -16.68 -21.50
CA LYS B 153 -7.18 -16.95 -22.91
C LYS B 153 -5.79 -16.45 -23.28
N GLY B 154 -5.41 -15.28 -22.72
CA GLY B 154 -4.08 -14.74 -22.89
C GLY B 154 -3.01 -15.63 -22.28
N MET B 155 -3.28 -16.13 -21.06
CA MET B 155 -2.36 -16.98 -20.34
C MET B 155 -2.29 -18.36 -20.98
N LYS B 156 -3.39 -18.79 -21.61
CA LYS B 156 -3.45 -20.07 -22.29
C LYS B 156 -2.44 -20.09 -23.43
N TYR B 157 -2.36 -18.97 -24.17
CA TYR B 157 -1.43 -18.83 -25.28
C TYR B 157 0.01 -18.94 -24.79
N LEU B 158 0.33 -18.20 -23.73
CA LEU B 158 1.66 -18.19 -23.15
C LEU B 158 2.00 -19.56 -22.58
N ALA B 159 1.01 -20.20 -21.96
CA ALA B 159 1.18 -21.51 -21.34
C ALA B 159 1.60 -22.55 -22.39
N SER B 160 1.04 -22.43 -23.60
CA SER B 160 1.32 -23.36 -24.69
C SER B 160 2.75 -23.16 -25.21
N LYS B 161 3.29 -21.95 -25.05
CA LYS B 161 4.65 -21.64 -25.48
C LYS B 161 5.64 -21.93 -24.36
N LYS B 162 5.17 -22.53 -23.26
CA LYS B 162 6.00 -22.88 -22.11
C LYS B 162 6.59 -21.61 -21.50
N PHE B 163 5.76 -20.57 -21.38
CA PHE B 163 6.17 -19.29 -20.83
C PHE B 163 5.77 -19.24 -19.35
N VAL B 164 6.70 -18.77 -18.50
CA VAL B 164 6.46 -18.63 -17.08
C VAL B 164 6.53 -17.15 -16.74
N HIS B 165 5.38 -16.57 -16.37
CA HIS B 165 5.24 -15.13 -16.19
C HIS B 165 5.91 -14.71 -14.88
N ARG B 166 5.53 -15.38 -13.78
CA ARG B 166 6.14 -15.21 -12.46
C ARG B 166 5.69 -13.91 -11.80
N ASP B 167 4.69 -13.23 -12.39
CA ASP B 167 4.22 -11.95 -11.86
C ASP B 167 2.91 -11.58 -12.55
N LEU B 168 1.92 -12.49 -12.48
CA LEU B 168 0.61 -12.24 -13.05
C LEU B 168 -0.24 -11.47 -12.04
N ALA B 169 -0.79 -10.32 -12.48
CA ALA B 169 -1.61 -9.48 -11.65
C ALA B 169 -2.41 -8.52 -12.52
N ALA B 170 -3.35 -7.79 -11.89
CA ALA B 170 -4.18 -6.81 -12.59
C ALA B 170 -3.32 -5.67 -13.10
N ARG B 171 -2.35 -5.24 -12.28
CA ARG B 171 -1.45 -4.14 -12.61
C ARG B 171 -0.71 -4.44 -13.93
N ASN B 172 -0.43 -5.72 -14.19
CA ASN B 172 0.29 -6.14 -15.38
C ASN B 172 -0.67 -6.65 -16.44
N CYS B 173 -1.89 -6.08 -16.47
CA CYS B 173 -2.87 -6.35 -17.50
C CYS B 173 -3.41 -5.01 -18.04
N MET B 174 -3.40 -4.85 -19.37
CA MET B 174 -3.58 -3.55 -19.98
C MET B 174 -4.78 -3.56 -20.92
N LEU B 175 -5.53 -2.45 -20.92
CA LEU B 175 -6.68 -2.27 -21.79
C LEU B 175 -6.29 -1.36 -22.96
N ASP B 176 -6.61 -1.79 -24.18
CA ASP B 176 -6.42 -0.97 -25.37
C ASP B 176 -7.65 -0.06 -25.52
N GLU B 177 -7.81 0.53 -26.71
CA GLU B 177 -8.90 1.45 -26.97
C GLU B 177 -10.25 0.71 -27.01
N LYS B 178 -10.21 -0.59 -27.36
CA LYS B 178 -11.40 -1.41 -27.45
C LYS B 178 -11.61 -2.18 -26.14
N PHE B 179 -10.98 -1.73 -25.05
CA PHE B 179 -11.11 -2.34 -23.73
C PHE B 179 -10.77 -3.83 -23.80
N THR B 180 -9.68 -4.16 -24.49
CA THR B 180 -9.24 -5.54 -24.65
C THR B 180 -8.08 -5.79 -23.69
N VAL B 181 -8.27 -6.75 -22.77
CA VAL B 181 -7.27 -7.07 -21.76
C VAL B 181 -6.13 -7.83 -22.43
N LYS B 182 -4.90 -7.30 -22.31
CA LYS B 182 -3.71 -7.94 -22.83
C LYS B 182 -2.71 -8.15 -21.70
N VAL B 183 -2.16 -9.36 -21.62
CA VAL B 183 -1.21 -9.72 -20.58
C VAL B 183 0.14 -9.08 -20.90
N ALA B 184 0.61 -8.22 -20.00
CA ALA B 184 1.88 -7.51 -20.18
C ALA B 184 2.91 -8.08 -19.21
N ASP B 185 4.19 -8.00 -19.60
CA ASP B 185 5.30 -8.48 -18.80
C ASP B 185 6.28 -7.33 -18.58
N PHE B 186 6.78 -7.19 -17.34
CA PHE B 186 7.72 -6.13 -16.99
C PHE B 186 9.11 -6.70 -16.72
N GLY B 187 9.33 -7.98 -17.08
CA GLY B 187 10.62 -8.61 -16.95
C GLY B 187 11.00 -8.89 -15.49
N LEU B 188 10.07 -9.52 -14.76
CA LEU B 188 10.32 -9.95 -13.39
C LEU B 188 11.22 -11.18 -13.43
N ALA B 189 10.95 -12.08 -14.40
CA ALA B 189 11.74 -13.28 -14.61
C ALA B 189 13.23 -12.93 -14.68
N ARG B 190 13.56 -11.89 -15.45
CA ARG B 190 14.93 -11.45 -15.63
C ARG B 190 15.56 -11.09 -14.28
N ASN B 191 14.90 -10.17 -13.57
CA ASN B 191 15.43 -9.58 -12.35
C ASN B 191 15.77 -10.66 -11.33
N MET B 192 14.94 -11.70 -11.26
CA MET B 192 15.11 -12.78 -10.31
C MET B 192 16.38 -13.56 -10.62
N TYR B 193 16.58 -13.90 -11.90
CA TYR B 193 17.72 -14.71 -12.31
C TYR B 193 19.01 -13.89 -12.33
N ASP B 194 18.89 -12.57 -12.44
CA ASP B 194 20.05 -11.69 -12.40
C ASP B 194 20.57 -11.59 -10.97
N LYS B 195 19.72 -11.08 -10.06
CA LYS B 195 20.10 -10.82 -8.69
C LYS B 195 19.72 -12.02 -7.81
N GLU B 196 20.59 -13.03 -7.78
CA GLU B 196 20.39 -14.21 -6.94
C GLU B 196 21.73 -14.96 -6.82
N ALA B 206 16.05 -9.02 -2.84
CA ALA B 206 15.18 -8.97 -4.04
C ALA B 206 13.72 -8.81 -3.60
N LYS B 207 13.00 -7.90 -4.27
CA LYS B 207 11.61 -7.61 -3.95
C LYS B 207 10.69 -8.38 -4.90
N LEU B 208 9.99 -9.38 -4.34
CA LEU B 208 9.10 -10.24 -5.11
C LEU B 208 7.65 -10.01 -4.68
N PRO B 209 6.67 -10.26 -5.57
CA PRO B 209 5.25 -10.13 -5.22
C PRO B 209 4.75 -11.37 -4.47
N VAL B 210 4.85 -11.32 -3.13
CA VAL B 210 4.65 -12.50 -2.29
C VAL B 210 3.16 -12.88 -2.25
N LYS B 211 2.28 -11.88 -2.40
CA LYS B 211 0.85 -12.10 -2.25
C LYS B 211 0.27 -12.78 -3.49
N TRP B 212 0.92 -12.58 -4.64
CA TRP B 212 0.51 -13.23 -5.88
C TRP B 212 1.25 -14.56 -6.07
N MET B 213 2.34 -14.75 -5.32
CA MET B 213 3.17 -15.94 -5.43
C MET B 213 2.45 -17.13 -4.82
N ALA B 214 2.76 -18.33 -5.34
CA ALA B 214 2.20 -19.58 -4.86
C ALA B 214 3.00 -20.05 -3.63
N LEU B 215 2.43 -21.04 -2.93
CA LEU B 215 3.02 -21.56 -1.70
C LEU B 215 4.39 -22.17 -1.98
N GLU B 216 4.57 -22.72 -3.20
CA GLU B 216 5.85 -23.26 -3.62
C GLU B 216 6.84 -22.11 -3.80
N SER B 217 6.41 -21.06 -4.50
CA SER B 217 7.26 -19.95 -4.87
C SER B 217 7.82 -19.26 -3.62
N LEU B 218 6.99 -19.14 -2.57
CA LEU B 218 7.40 -18.49 -1.34
C LEU B 218 8.54 -19.28 -0.68
N GLN B 219 8.42 -20.61 -0.69
CA GLN B 219 9.38 -21.47 -0.03
C GLN B 219 10.51 -21.85 -0.99
N THR B 220 10.15 -22.59 -2.06
CA THR B 220 11.13 -23.21 -2.93
C THR B 220 11.63 -22.22 -3.98
N GLN B 221 10.76 -21.29 -4.40
CA GLN B 221 11.01 -20.37 -5.49
C GLN B 221 11.07 -21.14 -6.81
N LYS B 222 10.17 -22.12 -6.95
CA LYS B 222 9.93 -22.81 -8.21
C LYS B 222 8.74 -22.15 -8.88
N PHE B 223 8.86 -21.89 -10.19
CA PHE B 223 7.83 -21.18 -10.93
C PHE B 223 7.45 -21.99 -12.17
N THR B 224 6.14 -22.22 -12.33
CA THR B 224 5.59 -22.99 -13.43
C THR B 224 4.27 -22.37 -13.85
N THR B 225 3.54 -23.05 -14.74
CA THR B 225 2.18 -22.66 -15.10
C THR B 225 1.27 -22.73 -13.88
N LYS B 226 1.57 -23.67 -12.97
CA LYS B 226 0.77 -23.90 -11.77
C LYS B 226 0.87 -22.70 -10.82
N SER B 227 2.06 -22.08 -10.76
CA SER B 227 2.28 -20.90 -9.94
C SER B 227 1.55 -19.70 -10.54
N ASP B 228 1.44 -19.68 -11.88
CA ASP B 228 0.73 -18.64 -12.60
C ASP B 228 -0.78 -18.81 -12.40
N VAL B 229 -1.23 -20.07 -12.28
CA VAL B 229 -2.62 -20.36 -12.02
C VAL B 229 -2.99 -19.80 -10.65
N TRP B 230 -2.11 -20.03 -9.66
CA TRP B 230 -2.29 -19.47 -8.33
C TRP B 230 -2.39 -17.94 -8.43
N SER B 231 -1.47 -17.35 -9.19
CA SER B 231 -1.42 -15.90 -9.37
C SER B 231 -2.68 -15.41 -10.08
N PHE B 232 -3.19 -16.22 -11.02
CA PHE B 232 -4.42 -15.91 -11.73
C PHE B 232 -5.61 -15.93 -10.76
N GLY B 233 -5.58 -16.86 -9.80
CA GLY B 233 -6.58 -16.90 -8.75
C GLY B 233 -6.67 -15.56 -8.01
N VAL B 234 -5.51 -14.97 -7.70
CA VAL B 234 -5.45 -13.71 -6.99
C VAL B 234 -5.95 -12.58 -7.90
N LEU B 235 -5.67 -12.69 -9.20
CA LEU B 235 -6.10 -11.71 -10.18
C LEU B 235 -7.64 -11.67 -10.25
N LEU B 236 -8.27 -12.85 -10.19
CA LEU B 236 -9.71 -12.94 -10.20
C LEU B 236 -10.30 -12.26 -8.96
N TRP B 237 -9.62 -12.42 -7.82
CA TRP B 237 -10.05 -11.82 -6.57
C TRP B 237 -10.05 -10.30 -6.68
N GLU B 238 -9.01 -9.76 -7.33
CA GLU B 238 -8.89 -8.32 -7.55
C GLU B 238 -10.07 -7.80 -8.35
N LEU B 239 -10.38 -8.48 -9.46
CA LEU B 239 -11.45 -8.08 -10.35
C LEU B 239 -12.76 -7.96 -9.59
N MET B 240 -13.08 -8.98 -8.78
CA MET B 240 -14.37 -9.09 -8.11
C MET B 240 -14.48 -8.06 -6.99
N THR B 241 -13.33 -7.61 -6.46
CA THR B 241 -13.28 -6.64 -5.38
C THR B 241 -13.02 -5.23 -5.90
N ARG B 242 -13.01 -5.08 -7.24
CA ARG B 242 -12.65 -3.82 -7.90
C ARG B 242 -11.30 -3.34 -7.39
N GLY B 243 -10.30 -4.23 -7.50
CA GLY B 243 -8.90 -3.87 -7.30
C GLY B 243 -8.56 -3.61 -5.83
N ALA B 244 -9.02 -4.51 -4.95
CA ALA B 244 -8.66 -4.44 -3.54
C ALA B 244 -7.28 -5.09 -3.35
N PRO B 245 -6.48 -4.66 -2.35
CA PRO B 245 -5.18 -5.27 -2.10
C PRO B 245 -5.33 -6.68 -1.49
N PRO B 246 -4.81 -7.74 -2.15
CA PRO B 246 -4.92 -9.10 -1.63
C PRO B 246 -4.43 -9.23 -0.19
N TYR B 247 -5.08 -10.10 0.57
CA TYR B 247 -4.75 -10.34 1.97
C TYR B 247 -4.73 -9.01 2.71
N PRO B 248 -5.85 -8.23 2.67
CA PRO B 248 -5.90 -6.89 3.24
C PRO B 248 -5.98 -6.83 4.78
N ASP B 249 -6.21 -7.99 5.41
CA ASP B 249 -6.26 -8.09 6.86
C ASP B 249 -5.09 -8.93 7.37
N VAL B 250 -4.04 -9.04 6.55
CA VAL B 250 -2.89 -9.88 6.86
C VAL B 250 -1.61 -9.13 6.50
N ASN B 251 -0.60 -9.22 7.38
CA ASN B 251 0.71 -8.64 7.14
C ASN B 251 1.38 -9.38 6.00
N THR B 252 2.29 -8.69 5.30
CA THR B 252 2.96 -9.23 4.13
C THR B 252 3.91 -10.35 4.52
N PHE B 253 4.41 -10.31 5.77
CA PHE B 253 5.41 -11.24 6.24
C PHE B 253 4.76 -12.39 7.02
N ASP B 254 3.43 -12.45 7.02
CA ASP B 254 2.69 -13.54 7.65
C ASP B 254 1.87 -14.30 6.62
N ILE B 255 2.18 -14.09 5.34
CA ILE B 255 1.43 -14.71 4.25
C ILE B 255 1.78 -16.19 4.18
N THR B 256 3.07 -16.52 4.38
CA THR B 256 3.53 -17.89 4.35
C THR B 256 2.78 -18.72 5.39
N VAL B 257 2.68 -18.18 6.61
CA VAL B 257 2.01 -18.86 7.71
C VAL B 257 0.52 -18.97 7.41
N TYR B 258 -0.06 -17.90 6.86
CA TYR B 258 -1.47 -17.83 6.51
C TYR B 258 -1.83 -18.99 5.58
N LEU B 259 -1.03 -19.19 4.53
CA LEU B 259 -1.30 -20.16 3.49
C LEU B 259 -0.97 -21.57 3.98
N LEU B 260 0.06 -21.69 4.84
CA LEU B 260 0.44 -22.97 5.42
C LEU B 260 -0.70 -23.54 6.27
N GLN B 261 -1.44 -22.65 6.94
CA GLN B 261 -2.53 -23.05 7.82
C GLN B 261 -3.80 -23.31 7.00
N GLY B 262 -3.73 -23.07 5.69
CA GLY B 262 -4.80 -23.45 4.78
C GLY B 262 -5.85 -22.37 4.61
N ARG B 263 -5.57 -21.17 5.12
CA ARG B 263 -6.46 -20.03 4.98
C ARG B 263 -6.20 -19.35 3.64
N ARG B 264 -7.29 -19.06 2.92
CA ARG B 264 -7.22 -18.39 1.63
C ARG B 264 -8.05 -17.11 1.69
N LEU B 265 -8.10 -16.39 0.56
CA LEU B 265 -8.90 -15.17 0.45
C LEU B 265 -10.38 -15.52 0.58
N LEU B 266 -11.13 -14.64 1.23
CA LEU B 266 -12.56 -14.85 1.44
C LEU B 266 -13.31 -14.52 0.16
N GLN B 267 -14.58 -14.94 0.11
CA GLN B 267 -15.42 -14.68 -1.06
C GLN B 267 -15.88 -13.22 -1.04
N PRO B 268 -15.63 -12.44 -2.12
CA PRO B 268 -16.15 -11.07 -2.22
C PRO B 268 -17.67 -11.01 -2.14
N GLU B 269 -18.19 -9.80 -1.90
CA GLU B 269 -19.61 -9.58 -1.65
C GLU B 269 -20.42 -9.98 -2.89
N TYR B 270 -20.04 -9.41 -4.04
CA TYR B 270 -20.72 -9.68 -5.30
C TYR B 270 -19.84 -10.58 -6.17
N CYS B 271 -19.60 -11.80 -5.67
CA CYS B 271 -18.85 -12.82 -6.39
C CYS B 271 -19.66 -14.11 -6.43
N PRO B 272 -20.05 -14.60 -7.62
CA PRO B 272 -20.73 -15.89 -7.75
C PRO B 272 -19.96 -17.04 -7.09
N ASP B 273 -20.71 -18.00 -6.53
CA ASP B 273 -20.12 -19.16 -5.88
C ASP B 273 -19.32 -19.99 -6.88
N PRO B 274 -19.83 -20.23 -8.11
CA PRO B 274 -19.06 -20.95 -9.13
C PRO B 274 -17.70 -20.32 -9.44
N LEU B 275 -17.65 -18.98 -9.44
CA LEU B 275 -16.43 -18.24 -9.75
C LEU B 275 -15.45 -18.34 -8.58
N TYR B 276 -15.96 -18.23 -7.36
CA TYR B 276 -15.14 -18.34 -6.16
C TYR B 276 -14.62 -19.77 -6.03
N GLU B 277 -15.43 -20.75 -6.45
CA GLU B 277 -15.03 -22.15 -6.42
C GLU B 277 -13.79 -22.34 -7.29
N VAL B 278 -13.75 -21.65 -8.44
CA VAL B 278 -12.63 -21.71 -9.36
C VAL B 278 -11.40 -21.11 -8.69
N MET B 279 -11.59 -20.01 -7.94
CA MET B 279 -10.50 -19.35 -7.24
C MET B 279 -9.85 -20.31 -6.25
N LEU B 280 -10.69 -21.09 -5.54
CA LEU B 280 -10.22 -22.03 -4.53
C LEU B 280 -9.42 -23.16 -5.18
N LYS B 281 -9.81 -23.55 -6.39
CA LYS B 281 -9.10 -24.59 -7.14
C LYS B 281 -7.71 -24.09 -7.49
N CYS B 282 -7.60 -22.81 -7.86
CA CYS B 282 -6.32 -22.20 -8.19
C CYS B 282 -5.41 -22.16 -6.97
N TRP B 283 -6.00 -21.98 -5.78
CA TRP B 283 -5.25 -21.89 -4.54
C TRP B 283 -5.20 -23.25 -3.84
N HIS B 284 -4.74 -24.28 -4.57
CA HIS B 284 -4.59 -25.62 -4.00
C HIS B 284 -3.15 -25.79 -3.55
N PRO B 285 -2.88 -26.31 -2.32
CA PRO B 285 -1.52 -26.41 -1.80
C PRO B 285 -0.58 -27.23 -2.69
N LYS B 286 -1.08 -28.38 -3.18
CA LYS B 286 -0.36 -29.20 -4.13
C LYS B 286 -0.48 -28.57 -5.52
N ALA B 287 0.63 -28.58 -6.27
CA ALA B 287 0.75 -27.83 -7.51
C ALA B 287 -0.03 -28.50 -8.64
N GLU B 288 0.17 -29.82 -8.79
CA GLU B 288 -0.37 -30.57 -9.91
C GLU B 288 -1.90 -30.61 -9.86
N MET B 289 -2.48 -30.42 -8.67
CA MET B 289 -3.92 -30.52 -8.48
C MET B 289 -4.64 -29.30 -9.04
N ARG B 290 -3.89 -28.20 -9.27
CA ARG B 290 -4.46 -26.97 -9.80
C ARG B 290 -4.85 -27.17 -11.26
N PRO B 291 -5.89 -26.46 -11.76
CA PRO B 291 -6.36 -26.63 -13.14
C PRO B 291 -5.48 -25.93 -14.17
N SER B 292 -5.59 -26.38 -15.43
CA SER B 292 -4.88 -25.78 -16.55
C SER B 292 -5.64 -24.54 -17.03
N PHE B 293 -4.95 -23.68 -17.78
CA PHE B 293 -5.53 -22.45 -18.29
C PHE B 293 -6.57 -22.74 -19.36
N SER B 294 -6.44 -23.88 -20.03
CA SER B 294 -7.43 -24.33 -21.01
C SER B 294 -8.77 -24.57 -20.33
N GLU B 295 -8.72 -25.15 -19.11
CA GLU B 295 -9.92 -25.48 -18.35
C GLU B 295 -10.59 -24.20 -17.85
N LEU B 296 -9.78 -23.20 -17.48
CA LEU B 296 -10.29 -21.96 -16.91
C LEU B 296 -11.04 -21.15 -17.96
N VAL B 297 -10.67 -21.33 -19.24
CA VAL B 297 -11.32 -20.64 -20.34
C VAL B 297 -12.76 -21.12 -20.46
N SER B 298 -12.97 -22.44 -20.42
CA SER B 298 -14.27 -23.04 -20.61
C SER B 298 -15.19 -22.72 -19.42
N ARG B 299 -14.65 -22.78 -18.21
CA ARG B 299 -15.41 -22.57 -16.99
C ARG B 299 -15.91 -21.13 -16.92
N ILE B 300 -15.00 -20.17 -17.15
CA ILE B 300 -15.31 -18.75 -17.02
C ILE B 300 -16.22 -18.33 -18.17
N SER B 301 -16.08 -18.98 -19.33
CA SER B 301 -16.95 -18.74 -20.47
C SER B 301 -18.39 -19.11 -20.12
N ALA B 302 -18.55 -20.20 -19.37
CA ALA B 302 -19.86 -20.64 -18.90
C ALA B 302 -20.45 -19.58 -17.95
N ILE B 303 -19.64 -19.15 -16.99
CA ILE B 303 -20.08 -18.22 -15.95
C ILE B 303 -20.37 -16.86 -16.57
N PHE B 304 -19.65 -16.52 -17.65
CA PHE B 304 -19.85 -15.27 -18.36
C PHE B 304 -21.23 -15.26 -19.03
N SER B 305 -21.65 -16.42 -19.54
CA SER B 305 -22.89 -16.54 -20.29
C SER B 305 -24.10 -16.55 -19.35
N THR B 306 -24.01 -17.32 -18.27
CA THR B 306 -25.14 -17.53 -17.37
C THR B 306 -25.47 -16.25 -16.60
N PHE B 307 -24.44 -15.51 -16.18
CA PHE B 307 -24.62 -14.37 -15.29
C PHE B 307 -25.57 -13.35 -15.92
N ILE B 308 -26.39 -12.72 -15.06
CA ILE B 308 -27.37 -11.74 -15.49
C ILE B 308 -26.65 -10.44 -15.85
#